data_3LAG
#
_entry.id   3LAG
#
_cell.length_a   42.871
_cell.length_b   59.243
_cell.length_c   65.380
_cell.angle_alpha   90.00
_cell.angle_beta   90.00
_cell.angle_gamma   90.00
#
_symmetry.space_group_name_H-M   'P 21 21 21'
#
loop_
_entity.id
_entity.type
_entity.pdbx_description
1 polymer 'uncharacterized protein RPA4178'
2 non-polymer 'NICKEL (II) ION'
3 non-polymer 'CALCIUM ION'
4 non-polymer 'FORMIC ACID'
5 water water
#
_entity_poly.entity_id   1
_entity_poly.type   'polypeptide(L)'
_entity_poly.pdbx_seq_one_letter_code
;G(MSE)TVAAKSEIQIDNDEVRVTEWRLPPGSATGHHTHG(MSE)DYVVVP(MSE)ADGE(MSE)TIVAPDGTRSLAQLK
TGRSYARKAGVQHDVRNESTAEIVFLEIELKAGS
;
_entity_poly.pdbx_strand_id   A,B
#
loop_
_chem_comp.id
_chem_comp.type
_chem_comp.name
_chem_comp.formula
CA non-polymer 'CALCIUM ION' 'Ca 2'
FMT non-polymer 'FORMIC ACID' 'C H2 O2'
NI non-polymer 'NICKEL (II) ION' 'Ni 2'
#
# COMPACT_ATOMS: atom_id res chain seq x y z
N GLY A 1 -29.62 -10.60 8.49
CA GLY A 1 -28.67 -11.36 9.30
C GLY A 1 -27.82 -10.44 10.16
N MSE A 2 -27.30 -10.96 11.26
CA MSE A 2 -26.57 -10.16 12.25
CA MSE A 2 -26.58 -10.11 12.21
C MSE A 2 -25.14 -9.77 11.84
O MSE A 2 -24.58 -8.78 12.32
CB MSE A 2 -26.52 -10.91 13.57
CB MSE A 2 -26.62 -10.71 13.61
CG MSE A 2 -26.25 -10.06 14.79
CG MSE A 2 -27.99 -10.65 14.25
SE MSE A 2 -27.12 -10.84 16.34
SE MSE A 2 -27.99 -11.38 16.05
CE MSE A 2 -28.93 -10.87 15.65
CE MSE A 2 -26.60 -10.23 16.79
N THR A 3 -24.54 -10.56 10.97
CA THR A 3 -23.15 -10.32 10.64
C THR A 3 -22.94 -8.98 9.89
N VAL A 4 -22.04 -8.16 10.41
CA VAL A 4 -21.72 -6.87 9.78
C VAL A 4 -20.72 -7.06 8.62
N ALA A 5 -21.00 -6.43 7.49
CA ALA A 5 -20.19 -6.63 6.29
C ALA A 5 -18.92 -5.80 6.25
N ALA A 6 -17.83 -6.39 5.78
CA ALA A 6 -16.64 -5.63 5.44
C ALA A 6 -16.97 -4.72 4.27
N LYS A 7 -16.38 -3.54 4.27
CA LYS A 7 -16.58 -2.58 3.19
C LYS A 7 -15.38 -2.58 2.26
N SER A 8 -15.64 -2.46 0.97
CA SER A 8 -14.56 -2.45 -0.02
C SER A 8 -14.75 -1.35 -1.04
N GLU A 9 -13.64 -0.74 -1.45
CA GLU A 9 -13.63 0.24 -2.54
C GLU A 9 -12.46 -0.11 -3.44
N ILE A 10 -12.77 -0.42 -4.70
CA ILE A 10 -11.73 -0.67 -5.69
C ILE A 10 -11.18 0.67 -6.17
N GLN A 11 -9.93 0.95 -5.83
CA GLN A 11 -9.28 2.21 -6.19
C GLN A 11 -8.62 2.19 -7.58
N ILE A 12 -8.06 1.04 -7.98
CA ILE A 12 -7.36 0.85 -9.26
C ILE A 12 -7.67 -0.57 -9.75
N ASP A 13 -7.89 -0.74 -11.05
CA ASP A 13 -8.11 -2.07 -11.64
C ASP A 13 -7.66 -2.03 -13.09
N ASN A 14 -6.35 -2.03 -13.28
CA ASN A 14 -5.78 -1.83 -14.61
C ASN A 14 -5.13 -3.12 -15.08
N ASP A 15 -4.19 -3.05 -16.03
CA ASP A 15 -3.55 -4.27 -16.53
C ASP A 15 -2.54 -4.92 -15.57
N GLU A 16 -2.18 -4.21 -14.50
CA GLU A 16 -1.17 -4.71 -13.56
C GLU A 16 -1.70 -5.14 -12.21
N VAL A 17 -2.68 -4.41 -11.68
CA VAL A 17 -3.13 -4.63 -10.31
C VAL A 17 -4.61 -4.33 -10.16
N ARG A 18 -5.20 -4.95 -9.15
CA ARG A 18 -6.48 -4.54 -8.63
C ARG A 18 -6.22 -4.14 -7.18
N VAL A 19 -6.41 -2.85 -6.87
CA VAL A 19 -6.20 -2.32 -5.54
C VAL A 19 -7.53 -2.05 -4.87
N THR A 20 -7.76 -2.72 -3.75
CA THR A 20 -9.01 -2.61 -3.02
C THR A 20 -8.73 -2.09 -1.63
N GLU A 21 -9.42 -1.03 -1.23
CA GLU A 21 -9.38 -0.57 0.14
CA GLU A 21 -9.39 -0.56 0.15
C GLU A 21 -10.45 -1.31 0.94
N TRP A 22 -10.00 -1.99 1.99
CA TRP A 22 -10.88 -2.73 2.87
C TRP A 22 -11.02 -2.01 4.18
N ARG A 23 -12.26 -1.84 4.62
CA ARG A 23 -12.56 -1.28 5.94
C ARG A 23 -13.49 -2.24 6.65
N LEU A 24 -13.03 -2.73 7.80
CA LEU A 24 -13.80 -3.67 8.61
C LEU A 24 -14.18 -2.99 9.91
N PRO A 25 -15.47 -2.60 10.04
CA PRO A 25 -15.96 -2.10 11.33
C PRO A 25 -15.77 -3.16 12.41
N PRO A 26 -15.73 -2.73 13.68
CA PRO A 26 -15.74 -3.73 14.75
C PRO A 26 -16.92 -4.69 14.55
N GLY A 27 -16.68 -5.99 14.69
N GLY A 27 -16.62 -5.98 14.68
CA GLY A 27 -17.74 -6.97 14.58
CA GLY A 27 -17.64 -7.01 14.61
C GLY A 27 -18.15 -7.27 13.15
C GLY A 27 -17.84 -7.60 13.23
N SER A 28 -17.27 -6.95 12.21
CA SER A 28 -17.52 -7.31 10.83
C SER A 28 -16.68 -8.51 10.37
N ALA A 29 -17.03 -9.03 9.20
CA ALA A 29 -16.32 -10.17 8.63
C ALA A 29 -16.38 -10.07 7.12
N THR A 30 -15.31 -10.50 6.47
CA THR A 30 -15.31 -10.62 5.03
C THR A 30 -16.18 -11.79 4.59
N GLY A 31 -16.34 -12.78 5.47
CA GLY A 31 -16.80 -14.08 5.05
C GLY A 31 -15.64 -14.85 4.45
N HIS A 32 -15.72 -16.18 4.50
CA HIS A 32 -14.71 -16.98 3.86
CA HIS A 32 -14.72 -17.01 3.86
C HIS A 32 -14.62 -16.65 2.38
N HIS A 33 -13.39 -16.56 1.89
CA HIS A 33 -13.17 -16.31 0.47
C HIS A 33 -11.84 -16.92 0.04
N THR A 34 -11.67 -17.04 -1.28
CA THR A 34 -10.50 -17.65 -1.87
C THR A 34 -9.75 -16.63 -2.70
N HIS A 35 -8.43 -16.61 -2.55
CA HIS A 35 -7.62 -15.70 -3.35
C HIS A 35 -7.15 -16.28 -4.66
N GLY A 36 -7.48 -15.61 -5.75
CA GLY A 36 -7.14 -16.09 -7.07
C GLY A 36 -5.88 -15.47 -7.63
N MSE A 37 -5.30 -14.54 -6.88
CA MSE A 37 -4.07 -13.87 -7.31
C MSE A 37 -3.13 -13.66 -6.13
O MSE A 37 -3.58 -13.43 -5.02
CB MSE A 37 -4.38 -12.49 -7.89
CG MSE A 37 -5.19 -12.53 -9.17
SE MSE A 37 -5.45 -10.77 -9.91
CE MSE A 37 -7.26 -10.40 -9.26
N ASP A 38 -1.83 -13.71 -6.41
CA ASP A 38 -0.86 -13.21 -5.43
C ASP A 38 -1.24 -11.79 -5.04
N TYR A 39 -0.94 -11.39 -3.82
CA TYR A 39 -1.33 -10.05 -3.39
C TYR A 39 -0.41 -9.50 -2.32
N VAL A 40 -0.44 -8.18 -2.20
CA VAL A 40 0.28 -7.45 -1.18
C VAL A 40 -0.74 -6.74 -0.30
N VAL A 41 -0.53 -6.80 1.00
CA VAL A 41 -1.36 -6.08 1.94
C VAL A 41 -0.59 -4.90 2.51
N VAL A 42 -1.21 -3.71 2.47
CA VAL A 42 -0.65 -2.52 3.11
C VAL A 42 -1.61 -2.03 4.18
N PRO A 43 -1.29 -2.30 5.46
CA PRO A 43 -2.17 -1.81 6.53
C PRO A 43 -2.15 -0.28 6.64
N MSE A 44 -3.32 0.31 6.81
CA MSE A 44 -3.46 1.76 6.94
C MSE A 44 -3.80 2.16 8.39
O MSE A 44 -3.90 3.36 8.70
CB MSE A 44 -4.54 2.28 6.01
CG MSE A 44 -4.33 1.99 4.54
SE MSE A 44 -2.65 2.62 3.80
CE MSE A 44 -2.70 4.47 4.37
N ALA A 45 -4.00 1.17 9.25
CA ALA A 45 -4.29 1.41 10.66
C ALA A 45 -3.65 0.27 11.44
N ASP A 46 -3.29 0.57 12.68
CA ASP A 46 -2.79 -0.46 13.58
C ASP A 46 -3.97 -1.26 14.07
N GLY A 47 -3.81 -2.57 14.17
CA GLY A 47 -4.92 -3.38 14.63
C GLY A 47 -4.64 -4.86 14.73
N GLU A 48 -5.69 -5.61 15.00
CA GLU A 48 -5.59 -7.04 15.20
C GLU A 48 -6.73 -7.71 14.44
N MSE A 49 -6.37 -8.45 13.41
CA MSE A 49 -7.30 -9.18 12.56
CA MSE A 49 -7.39 -9.15 12.66
C MSE A 49 -7.50 -10.59 13.14
O MSE A 49 -6.57 -11.17 13.69
CB MSE A 49 -6.71 -9.28 11.14
CB MSE A 49 -7.17 -9.06 11.15
CG MSE A 49 -7.59 -8.81 9.96
CG MSE A 49 -5.81 -9.56 10.67
SE MSE A 49 -6.69 -8.65 8.19
SE MSE A 49 -5.88 -10.12 8.79
CE MSE A 49 -5.76 -10.36 8.14
CE MSE A 49 -6.07 -8.43 7.87
N THR A 50 -8.70 -11.15 12.99
CA THR A 50 -8.94 -12.55 13.32
C THR A 50 -9.03 -13.29 12.01
N ILE A 51 -8.24 -14.33 11.87
CA ILE A 51 -8.25 -15.14 10.67
C ILE A 51 -8.80 -16.52 11.02
N VAL A 52 -9.92 -16.85 10.40
CA VAL A 52 -10.55 -18.13 10.60
C VAL A 52 -10.24 -19.03 9.41
N ALA A 53 -9.63 -20.18 9.68
CA ALA A 53 -9.26 -21.12 8.63
C ALA A 53 -10.48 -21.94 8.24
N PRO A 54 -10.40 -22.62 7.08
CA PRO A 54 -11.52 -23.46 6.63
C PRO A 54 -11.98 -24.49 7.69
N ASP A 55 -11.08 -24.93 8.57
CA ASP A 55 -11.46 -25.90 9.60
C ASP A 55 -12.02 -25.27 10.88
N GLY A 56 -12.18 -23.95 10.90
CA GLY A 56 -12.72 -23.29 12.07
C GLY A 56 -11.71 -22.85 13.12
N THR A 57 -10.46 -23.30 13.01
CA THR A 57 -9.42 -22.82 13.92
C THR A 57 -9.16 -21.33 13.65
N ARG A 58 -8.67 -20.64 14.67
CA ARG A 58 -8.58 -19.19 14.63
C ARG A 58 -7.20 -18.70 15.02
N SER A 59 -6.76 -17.64 14.36
CA SER A 59 -5.53 -16.97 14.71
CA SER A 59 -5.53 -16.96 14.69
C SER A 59 -5.73 -15.45 14.67
N LEU A 60 -4.95 -14.76 15.48
CA LEU A 60 -4.94 -13.30 15.47
C LEU A 60 -3.67 -12.85 14.73
N ALA A 61 -3.79 -11.81 13.93
CA ALA A 61 -2.61 -11.25 13.28
C ALA A 61 -2.57 -9.75 13.50
N GLN A 62 -1.42 -9.26 13.92
CA GLN A 62 -1.25 -7.84 14.17
C GLN A 62 -0.97 -7.12 12.87
N LEU A 63 -1.69 -6.01 12.66
CA LEU A 63 -1.43 -5.14 11.53
C LEU A 63 -0.74 -3.89 12.06
N LYS A 64 0.32 -3.47 11.39
CA LYS A 64 1.01 -2.23 11.74
C LYS A 64 0.98 -1.30 10.54
N THR A 65 0.49 -0.08 10.74
CA THR A 65 0.38 0.89 9.66
C THR A 65 1.68 0.95 8.86
N GLY A 66 1.57 0.79 7.53
CA GLY A 66 2.72 0.94 6.65
C GLY A 66 3.67 -0.24 6.56
N ARG A 67 3.37 -1.33 7.26
CA ARG A 67 4.21 -2.52 7.19
CA ARG A 67 4.20 -2.52 7.21
C ARG A 67 3.57 -3.57 6.29
N SER A 68 3.98 -3.59 5.03
CA SER A 68 3.35 -4.47 4.05
C SER A 68 3.79 -5.92 4.16
N TYR A 69 3.00 -6.82 3.60
CA TYR A 69 3.35 -8.23 3.50
C TYR A 69 2.74 -8.82 2.25
N ALA A 70 3.32 -9.94 1.81
CA ALA A 70 2.92 -10.57 0.56
C ALA A 70 2.34 -11.93 0.79
N ARG A 71 1.40 -12.29 -0.08
CA ARG A 71 0.70 -13.56 -0.01
C ARG A 71 0.55 -14.15 -1.41
N LYS A 72 0.32 -15.45 -1.49
CA LYS A 72 0.18 -16.13 -2.77
C LYS A 72 -1.26 -16.49 -3.10
N ALA A 73 -1.57 -16.58 -4.38
CA ALA A 73 -2.82 -17.15 -4.82
C ALA A 73 -3.07 -18.48 -4.12
N GLY A 74 -4.31 -18.73 -3.73
CA GLY A 74 -4.69 -19.98 -3.09
C GLY A 74 -5.05 -19.83 -1.64
N VAL A 75 -4.71 -18.70 -1.02
CA VAL A 75 -5.12 -18.43 0.34
C VAL A 75 -6.64 -18.52 0.46
N GLN A 76 -7.12 -19.24 1.47
CA GLN A 76 -8.55 -19.36 1.76
C GLN A 76 -8.77 -19.05 3.25
N HIS A 77 -9.59 -18.06 3.54
CA HIS A 77 -9.76 -17.60 4.91
C HIS A 77 -11.00 -16.73 5.06
N ASP A 78 -11.43 -16.58 6.30
CA ASP A 78 -12.41 -15.56 6.67
C ASP A 78 -11.65 -14.61 7.56
N VAL A 79 -11.72 -13.32 7.23
CA VAL A 79 -11.06 -12.28 8.01
C VAL A 79 -12.13 -11.50 8.76
N ARG A 80 -11.99 -11.49 10.08
CA ARG A 80 -13.00 -10.92 10.95
CA ARG A 80 -12.99 -10.91 10.95
C ARG A 80 -12.36 -9.84 11.82
N ASN A 81 -13.17 -8.88 12.22
CA ASN A 81 -12.70 -7.88 13.16
C ASN A 81 -13.39 -8.11 14.50
N GLU A 82 -12.67 -8.74 15.42
CA GLU A 82 -13.19 -8.98 16.76
CA GLU A 82 -13.20 -8.98 16.76
C GLU A 82 -12.64 -7.96 17.74
N SER A 83 -11.99 -6.94 17.21
CA SER A 83 -11.41 -5.86 18.01
C SER A 83 -12.40 -4.69 18.14
N THR A 84 -11.99 -3.69 18.91
CA THR A 84 -12.80 -2.48 19.10
C THR A 84 -12.51 -1.38 18.09
N ALA A 85 -11.53 -1.60 17.21
CA ALA A 85 -11.06 -0.57 16.29
C ALA A 85 -11.35 -0.95 14.84
N GLU A 86 -11.73 0.01 14.02
CA GLU A 86 -11.87 -0.25 12.59
C GLU A 86 -10.53 -0.75 12.04
N ILE A 87 -10.59 -1.81 11.25
CA ILE A 87 -9.41 -2.32 10.55
C ILE A 87 -9.43 -1.76 9.14
N VAL A 88 -8.29 -1.25 8.69
CA VAL A 88 -8.19 -0.66 7.35
C VAL A 88 -6.91 -1.12 6.69
N PHE A 89 -7.04 -1.64 5.48
CA PHE A 89 -5.86 -2.00 4.72
C PHE A 89 -6.16 -1.93 3.24
N LEU A 90 -5.11 -1.72 2.45
CA LEU A 90 -5.23 -1.87 1.02
CA LEU A 90 -5.18 -1.87 1.01
C LEU A 90 -4.69 -3.25 0.62
N GLU A 91 -5.40 -3.88 -0.31
CA GLU A 91 -5.00 -5.15 -0.88
C GLU A 91 -4.72 -4.93 -2.34
N ILE A 92 -3.50 -5.25 -2.74
CA ILE A 92 -3.04 -5.04 -4.10
CA ILE A 92 -3.04 -5.04 -4.10
C ILE A 92 -2.85 -6.40 -4.74
N GLU A 93 -3.81 -6.80 -5.56
CA GLU A 93 -3.77 -8.08 -6.24
C GLU A 93 -2.97 -7.97 -7.53
N LEU A 94 -2.13 -8.97 -7.76
CA LEU A 94 -1.13 -8.91 -8.80
C LEU A 94 -1.61 -9.68 -10.03
N LYS A 95 -1.98 -8.95 -11.07
CA LYS A 95 -2.47 -9.59 -12.29
C LYS A 95 -1.36 -10.09 -13.19
N ALA A 96 -1.72 -11.04 -14.06
CA ALA A 96 -0.89 -11.42 -15.19
C ALA A 96 -1.34 -10.65 -16.43
N GLY B 1 26.90 17.31 0.87
CA GLY B 1 26.09 18.28 0.16
C GLY B 1 24.91 18.65 1.00
N MSE B 2 24.30 19.77 0.72
CA MSE B 2 23.25 20.20 1.62
CA MSE B 2 23.24 20.29 1.57
C MSE B 2 21.92 19.52 1.49
O MSE B 2 21.13 19.51 2.43
CB MSE B 2 23.11 21.68 1.59
CB MSE B 2 23.04 21.77 1.26
CG MSE B 2 24.27 22.23 2.27
CG MSE B 2 24.34 22.52 1.49
SE MSE B 2 23.91 24.03 2.43
SE MSE B 2 24.09 24.42 1.69
CE MSE B 2 25.22 24.62 1.21
CE MSE B 2 22.73 24.39 3.10
N THR B 3 21.65 18.91 0.34
CA THR B 3 20.44 18.13 0.18
CA THR B 3 20.43 18.15 0.22
C THR B 3 20.53 16.86 1.01
N VAL B 4 19.46 16.53 1.72
CA VAL B 4 19.39 15.32 2.50
C VAL B 4 18.97 14.16 1.60
N ALA B 5 19.57 13.00 1.78
CA ALA B 5 19.17 11.84 1.00
C ALA B 5 17.77 11.35 1.41
N ALA B 6 16.97 10.97 0.42
CA ALA B 6 15.73 10.26 0.70
C ALA B 6 16.09 8.90 1.29
N LYS B 7 15.25 8.37 2.16
CA LYS B 7 15.45 7.05 2.73
C LYS B 7 14.52 6.06 2.05
N SER B 8 15.02 4.86 1.81
CA SER B 8 14.17 3.79 1.25
C SER B 8 14.41 2.45 1.95
N GLU B 9 13.35 1.67 2.07
CA GLU B 9 13.42 0.32 2.63
C GLU B 9 12.60 -0.60 1.74
N ILE B 10 13.24 -1.64 1.22
CA ILE B 10 12.55 -2.62 0.40
C ILE B 10 11.86 -3.62 1.32
N GLN B 11 10.54 -3.54 1.39
CA GLN B 11 9.77 -4.38 2.30
C GLN B 11 9.47 -5.75 1.73
N ILE B 12 9.27 -5.79 0.41
CA ILE B 12 8.92 -7.03 -0.28
C ILE B 12 9.64 -7.00 -1.61
N ASP B 13 10.20 -8.13 -2.01
CA ASP B 13 10.78 -8.19 -3.33
C ASP B 13 10.74 -9.64 -3.80
N ASN B 14 9.98 -9.89 -4.87
CA ASN B 14 9.83 -11.24 -5.40
C ASN B 14 9.63 -11.21 -6.91
N ASP B 15 9.32 -12.34 -7.52
CA ASP B 15 9.28 -12.39 -8.98
CA ASP B 15 9.28 -12.40 -8.97
C ASP B 15 8.12 -11.60 -9.58
N GLU B 16 7.18 -11.20 -8.74
CA GLU B 16 6.00 -10.45 -9.22
CA GLU B 16 6.00 -10.46 -9.20
C GLU B 16 6.04 -8.97 -8.87
N VAL B 17 6.69 -8.62 -7.76
CA VAL B 17 6.50 -7.30 -7.23
C VAL B 17 7.65 -6.86 -6.35
N ARG B 18 7.88 -5.54 -6.31
CA ARG B 18 8.74 -4.94 -5.31
C ARG B 18 8.01 -3.81 -4.60
N VAL B 19 8.05 -3.83 -3.28
CA VAL B 19 7.42 -2.80 -2.45
C VAL B 19 8.50 -2.07 -1.67
N THR B 20 8.62 -0.76 -1.92
CA THR B 20 9.60 0.09 -1.26
C THR B 20 8.93 1.20 -0.48
N GLU B 21 9.31 1.32 0.79
CA GLU B 21 8.90 2.44 1.60
CA GLU B 21 8.89 2.45 1.60
C GLU B 21 9.87 3.60 1.44
N TRP B 22 9.33 4.75 1.03
CA TRP B 22 10.12 5.97 0.87
C TRP B 22 9.82 6.94 1.99
N ARG B 23 10.86 7.45 2.62
CA ARG B 23 10.73 8.48 3.65
C ARG B 23 11.61 9.66 3.26
N LEU B 24 10.98 10.81 3.09
CA LEU B 24 11.70 12.02 2.70
C LEU B 24 11.62 13.05 3.81
N PRO B 25 12.74 13.23 4.52
CA PRO B 25 12.80 14.31 5.51
C PRO B 25 12.66 15.68 4.83
N PRO B 26 12.31 16.72 5.59
CA PRO B 26 12.35 18.07 5.01
C PRO B 26 13.72 18.36 4.42
N GLY B 27 13.74 18.94 3.22
CA GLY B 27 15.00 19.27 2.57
C GLY B 27 15.70 18.10 1.90
N SER B 28 14.98 17.03 1.64
CA SER B 28 15.56 15.86 1.00
C SER B 28 15.15 15.72 -0.46
N ALA B 29 15.84 14.82 -1.17
CA ALA B 29 15.53 14.49 -2.56
C ALA B 29 15.96 13.06 -2.88
N THR B 30 15.21 12.39 -3.74
CA THR B 30 15.58 11.05 -4.19
C THR B 30 16.75 11.10 -5.17
N GLY B 31 16.92 12.26 -5.81
CA GLY B 31 17.71 12.36 -7.01
C GLY B 31 16.88 11.94 -8.22
N HIS B 32 17.23 12.47 -9.38
CA HIS B 32 16.57 12.11 -10.62
CA HIS B 32 16.58 12.13 -10.63
C HIS B 32 16.73 10.64 -10.92
N HIS B 33 15.63 9.99 -11.30
CA HIS B 33 15.67 8.59 -11.63
C HIS B 33 14.61 8.33 -12.68
N THR B 34 14.72 7.19 -13.35
CA THR B 34 13.70 6.78 -14.28
C THR B 34 13.02 5.52 -13.78
N HIS B 35 11.79 5.33 -14.20
CA HIS B 35 10.98 4.20 -13.80
C HIS B 35 10.91 3.20 -14.94
N GLY B 36 11.40 2.00 -14.70
CA GLY B 36 11.36 0.96 -15.71
C GLY B 36 10.19 0.00 -15.55
N MSE B 37 9.40 0.21 -14.49
CA MSE B 37 8.25 -0.65 -14.19
C MSE B 37 7.04 0.21 -13.90
O MSE B 37 7.14 1.24 -13.24
CB MSE B 37 8.55 -1.53 -12.97
CG MSE B 37 9.56 -2.63 -13.22
SE MSE B 37 10.00 -3.59 -11.64
CE MSE B 37 11.40 -2.41 -10.99
N ASP B 38 5.87 -0.23 -14.39
CA ASP B 38 4.61 0.34 -13.94
C ASP B 38 4.55 0.22 -12.43
N TYR B 39 3.88 1.14 -11.78
CA TYR B 39 3.85 1.14 -10.33
C TYR B 39 2.60 1.79 -9.75
N VAL B 40 2.47 1.62 -8.44
CA VAL B 40 1.40 2.20 -7.66
C VAL B 40 2.04 2.94 -6.50
N VAL B 41 1.55 4.14 -6.22
CA VAL B 41 1.96 4.90 -5.05
C VAL B 41 0.85 4.82 -4.02
N VAL B 42 1.25 4.49 -2.79
CA VAL B 42 0.33 4.52 -1.66
C VAL B 42 0.84 5.53 -0.64
N PRO B 43 0.25 6.72 -0.61
CA PRO B 43 0.68 7.68 0.39
C PRO B 43 0.29 7.22 1.78
N MSE B 44 1.24 7.32 2.70
CA MSE B 44 0.99 6.94 4.08
C MSE B 44 0.68 8.14 4.97
O MSE B 44 0.33 8.00 6.13
CB MSE B 44 2.19 6.18 4.65
CG MSE B 44 2.54 4.89 3.89
SE MSE B 44 1.06 3.62 3.77
CE MSE B 44 0.60 3.49 5.63
N ALA B 45 0.82 9.34 4.40
CA ALA B 45 0.54 10.56 5.13
C ALA B 45 0.19 11.63 4.12
N ASP B 46 -0.68 12.56 4.49
CA ASP B 46 -0.99 13.68 3.61
C ASP B 46 0.29 14.49 3.42
N GLY B 47 0.52 14.98 2.21
CA GLY B 47 1.74 15.72 2.00
C GLY B 47 1.74 16.46 0.70
N GLU B 48 2.79 17.25 0.53
CA GLU B 48 3.00 18.02 -0.69
CA GLU B 48 3.02 18.08 -0.65
C GLU B 48 4.40 17.72 -1.16
N MSE B 49 4.47 16.91 -2.21
CA MSE B 49 5.71 16.34 -2.73
C MSE B 49 6.16 17.05 -4.00
O MSE B 49 5.46 17.04 -5.01
CB MSE B 49 5.47 14.84 -3.03
CG MSE B 49 6.71 14.04 -3.41
SE MSE B 49 6.28 12.17 -3.75
CE MSE B 49 5.38 12.46 -5.46
N THR B 50 7.35 17.65 -3.94
CA THR B 50 7.89 18.35 -5.11
C THR B 50 8.37 17.35 -6.15
N ILE B 51 7.90 17.52 -7.39
CA ILE B 51 8.34 16.69 -8.50
C ILE B 51 9.06 17.58 -9.48
N VAL B 52 10.31 17.25 -9.79
CA VAL B 52 11.09 18.02 -10.75
C VAL B 52 11.15 17.25 -12.06
N ALA B 53 10.58 17.85 -13.10
CA ALA B 53 10.51 17.25 -14.42
C ALA B 53 11.89 17.36 -15.07
N PRO B 54 12.12 16.58 -16.15
CA PRO B 54 13.43 16.66 -16.82
C PRO B 54 13.77 18.09 -17.27
N ASP B 55 12.79 18.94 -17.54
CA ASP B 55 13.07 20.31 -17.99
C ASP B 55 13.38 21.26 -16.84
N GLY B 56 13.40 20.73 -15.62
CA GLY B 56 13.74 21.54 -14.47
C GLY B 56 12.57 22.23 -13.82
N THR B 57 11.41 22.21 -14.47
CA THR B 57 10.21 22.80 -13.86
C THR B 57 9.68 21.90 -12.74
N ARG B 58 8.98 22.51 -11.79
CA ARG B 58 8.55 21.83 -10.59
C ARG B 58 7.06 21.95 -10.37
N SER B 59 6.50 20.92 -9.76
CA SER B 59 5.11 20.92 -9.35
C SER B 59 5.04 20.25 -7.99
N LEU B 60 3.87 20.33 -7.36
N LEU B 60 3.90 20.45 -7.31
CA LEU B 60 3.72 19.87 -5.98
CA LEU B 60 3.67 19.85 -6.00
C LEU B 60 2.57 18.86 -5.88
C LEU B 60 2.55 18.84 -6.11
N ALA B 61 2.91 17.57 -6.00
CA ALA B 61 1.91 16.51 -5.95
C ALA B 61 1.19 16.55 -4.61
N GLN B 62 -0.13 16.51 -4.66
CA GLN B 62 -0.96 16.53 -3.48
C GLN B 62 -1.33 15.09 -3.07
N LEU B 63 -0.55 14.57 -2.13
CA LEU B 63 -0.71 13.20 -1.65
C LEU B 63 -1.77 13.10 -0.57
N LYS B 64 -2.71 12.16 -0.70
CA LYS B 64 -3.73 11.96 0.32
C LYS B 64 -3.56 10.55 0.88
N THR B 65 -3.44 10.48 2.20
CA THR B 65 -3.32 9.20 2.90
C THR B 65 -4.28 8.15 2.37
N GLY B 66 -3.73 7.01 1.98
CA GLY B 66 -4.54 5.89 1.58
C GLY B 66 -5.22 6.00 0.23
N ARG B 67 -4.97 7.08 -0.50
CA ARG B 67 -5.51 7.26 -1.84
CA ARG B 67 -5.52 7.24 -1.84
C ARG B 67 -4.43 6.90 -2.84
N SER B 68 -4.45 5.66 -3.29
CA SER B 68 -3.44 5.13 -4.19
C SER B 68 -3.64 5.64 -5.60
N TYR B 69 -2.57 5.60 -6.38
CA TYR B 69 -2.67 5.93 -7.79
C TYR B 69 -1.62 5.18 -8.57
N ALA B 70 -1.88 5.04 -9.86
CA ALA B 70 -1.06 4.24 -10.76
C ALA B 70 -0.23 5.13 -11.66
N ARG B 71 0.96 4.65 -12.00
CA ARG B 71 1.87 5.34 -12.89
C ARG B 71 2.49 4.34 -13.84
N LYS B 72 2.94 4.84 -15.00
CA LYS B 72 3.50 4.01 -16.04
C LYS B 72 5.02 4.05 -16.08
N ALA B 73 5.63 2.92 -16.44
CA ALA B 73 7.03 2.93 -16.81
C ALA B 73 7.26 4.07 -17.78
N GLY B 74 8.37 4.79 -17.60
CA GLY B 74 8.72 5.89 -18.47
C GLY B 74 8.76 7.18 -17.70
N VAL B 75 8.14 7.20 -16.53
CA VAL B 75 8.24 8.39 -15.67
C VAL B 75 9.71 8.66 -15.37
N GLN B 76 10.11 9.92 -15.52
CA GLN B 76 11.46 10.38 -15.21
C GLN B 76 11.32 11.61 -14.34
N HIS B 77 11.90 11.58 -13.14
CA HIS B 77 11.71 12.69 -12.24
C HIS B 77 12.71 12.68 -11.08
N ASP B 78 12.85 13.83 -10.44
CA ASP B 78 13.42 13.91 -9.10
C ASP B 78 12.26 14.23 -8.17
N VAL B 79 12.21 13.61 -7.01
CA VAL B 79 11.17 13.91 -6.06
C VAL B 79 11.81 14.48 -4.80
N ARG B 80 11.27 15.59 -4.33
CA ARG B 80 11.87 16.32 -3.23
C ARG B 80 10.86 16.71 -2.18
N ASN B 81 11.35 16.98 -0.98
CA ASN B 81 10.51 17.50 0.07
C ASN B 81 10.91 18.92 0.45
N GLU B 82 10.14 19.89 -0.02
CA GLU B 82 10.37 21.29 0.31
C GLU B 82 9.39 21.77 1.38
N SER B 83 8.65 20.82 1.97
CA SER B 83 7.70 21.12 3.03
C SER B 83 8.37 20.95 4.39
N THR B 84 7.61 21.21 5.45
CA THR B 84 8.13 21.10 6.80
C THR B 84 7.88 19.74 7.43
N ALA B 85 7.13 18.88 6.73
CA ALA B 85 6.70 17.59 7.26
C ALA B 85 7.35 16.43 6.49
N GLU B 86 7.72 15.38 7.21
CA GLU B 86 8.22 14.18 6.57
C GLU B 86 7.19 13.68 5.58
N ILE B 87 7.66 13.29 4.39
CA ILE B 87 6.80 12.67 3.38
C ILE B 87 7.04 11.17 3.41
N VAL B 88 5.97 10.38 3.40
CA VAL B 88 6.09 8.93 3.47
C VAL B 88 5.10 8.29 2.50
N PHE B 89 5.62 7.40 1.66
CA PHE B 89 4.77 6.66 0.74
C PHE B 89 5.41 5.33 0.42
N LEU B 90 4.57 4.36 0.06
CA LEU B 90 5.05 3.10 -0.49
C LEU B 90 4.91 3.15 -2.00
N GLU B 91 5.89 2.58 -2.67
CA GLU B 91 5.86 2.44 -4.10
C GLU B 91 5.90 0.95 -4.43
N ILE B 92 4.91 0.52 -5.22
CA ILE B 92 4.73 -0.89 -5.54
CA ILE B 92 4.75 -0.88 -5.55
C ILE B 92 4.97 -1.05 -7.04
N GLU B 93 6.09 -1.69 -7.39
CA GLU B 93 6.52 -1.84 -8.77
C GLU B 93 6.23 -3.26 -9.23
N LEU B 94 5.67 -3.38 -10.44
CA LEU B 94 5.31 -4.69 -10.99
C LEU B 94 6.40 -5.20 -11.94
N LYS B 95 6.77 -6.47 -11.79
CA LYS B 95 7.79 -7.09 -12.63
C LYS B 95 7.17 -7.83 -13.78
N ALA B 96 7.94 -8.05 -14.84
CA ALA B 96 7.48 -8.91 -15.92
C ALA B 96 7.78 -10.36 -15.53
N GLY B 97 6.95 -11.31 -15.97
CA GLY B 97 5.90 -11.05 -16.94
C GLY B 97 6.04 -11.97 -18.16
NI NI C . -8.49 -12.23 1.84
CA CA D . 1.65 -2.52 -18.24
C FMT E . -7.70 -10.47 2.96
O1 FMT E . -8.86 -10.78 3.35
O2 FMT E . -6.84 -11.10 2.27
NI NI F . 10.04 7.93 -8.71
C FMT G . 8.71 8.22 -6.98
O1 FMT G . 8.11 7.78 -8.01
O2 FMT G . 9.74 8.99 -6.89
C FMT H . 0.53 1.27 -14.88
O1 FMT H . 0.16 2.04 -14.00
O2 FMT H . 0.02 0.16 -15.09
#